data_6Y44
#
_entry.id   6Y44
#
_cell.length_a   81.769
_cell.length_b   111.627
_cell.length_c   62.792
_cell.angle_alpha   90.000
_cell.angle_beta   90.000
_cell.angle_gamma   90.000
#
_symmetry.space_group_name_H-M   'C 2 2 21'
#
loop_
_entity.id
_entity.type
_entity.pdbx_description
1 polymer '14-3-3 protein sigma'
2 polymer 'Son of sevenless homolog 1'
3 non-polymer 'MAGNESIUM ION'
4 non-polymer 'CHLORIDE ION'
5 non-polymer 'CALCIUM ION'
6 water water
#
loop_
_entity_poly.entity_id
_entity_poly.type
_entity_poly.pdbx_seq_one_letter_code
_entity_poly.pdbx_strand_id
1 'polypeptide(L)'
;GAMGSMERASLIQKAKLAEQAERYEDMAAFMKGAVEKGEELS(CSO)EERNLLSVAYKNVVGGQRAAWRVLSSIEQKSNE
EGSEEKGPEVREYREKVETELQGVCDTVLGLLDSHLIKEAGDAESRVFYLKMKGDYYRYLAEVATGDDKKRIIDSARSAY
QEAMDISKKEMPPTNPIRLGLALNFSVFHYEIANSPEEAISLAKTTFDEAMADLHTLSEDSYKDSTLIMQLLRDNLTLWT
ADNAGEEGGEAPQEPQS
;
A
2 'polypeptide(L)' PRRRPE(SEP)APAESS P
#
loop_
_chem_comp.id
_chem_comp.type
_chem_comp.name
_chem_comp.formula
CA non-polymer 'CALCIUM ION' 'Ca 2'
CL non-polymer 'CHLORIDE ION' 'Cl -1'
MG non-polymer 'MAGNESIUM ION' 'Mg 2'
#
# COMPACT_ATOMS: atom_id res chain seq x y z
N ALA A 2 -15.24 -1.69 19.11
CA ALA A 2 -16.44 -2.44 19.43
C ALA A 2 -16.20 -3.95 19.24
N MET A 3 -15.02 -4.28 18.73
CA MET A 3 -14.65 -5.66 18.45
C MET A 3 -13.96 -6.33 19.63
N GLY A 4 -13.81 -5.62 20.75
CA GLY A 4 -13.06 -6.17 21.88
C GLY A 4 -13.68 -7.43 22.47
N SER A 5 -15.00 -7.60 22.33
CA SER A 5 -15.66 -8.78 22.89
CA SER A 5 -15.68 -8.76 22.88
C SER A 5 -15.68 -9.97 21.95
N MET A 6 -15.23 -9.82 20.70
CA MET A 6 -15.24 -10.94 19.78
C MET A 6 -13.90 -11.67 19.79
N GLU A 7 -13.95 -13.00 19.71
CA GLU A 7 -12.74 -13.80 19.62
C GLU A 7 -11.89 -13.41 18.41
N ARG A 8 -10.56 -13.44 18.59
CA ARG A 8 -9.67 -13.19 17.46
C ARG A 8 -10.00 -14.09 16.27
N ALA A 9 -10.18 -15.39 16.50
CA ALA A 9 -10.45 -16.30 15.39
C ALA A 9 -11.74 -15.92 14.67
N SER A 10 -12.73 -15.48 15.45
CA SER A 10 -14.02 -15.08 14.87
C SER A 10 -13.88 -13.80 14.05
N LEU A 11 -13.08 -12.85 14.52
CA LEU A 11 -12.81 -11.64 13.74
C LEU A 11 -12.16 -11.97 12.41
N ILE A 12 -11.21 -12.90 12.41
CA ILE A 12 -10.54 -13.30 11.17
CA ILE A 12 -10.56 -13.27 11.15
C ILE A 12 -11.53 -13.98 10.24
N GLN A 13 -12.34 -14.89 10.78
CA GLN A 13 -13.33 -15.58 9.95
C GLN A 13 -14.31 -14.59 9.34
N LYS A 14 -14.78 -13.63 10.14
CA LYS A 14 -15.72 -12.64 9.62
C LYS A 14 -15.05 -11.68 8.63
N ALA A 15 -13.76 -11.39 8.80
CA ALA A 15 -13.06 -10.61 7.77
C ALA A 15 -13.08 -11.36 6.43
N LYS A 16 -12.89 -12.68 6.46
CA LYS A 16 -12.93 -13.46 5.22
C LYS A 16 -14.32 -13.46 4.62
N LEU A 17 -15.36 -13.56 5.46
CA LEU A 17 -16.74 -13.49 4.96
C LEU A 17 -17.04 -12.12 4.37
N ALA A 18 -16.63 -11.06 5.05
CA ALA A 18 -16.87 -9.71 4.56
C ALA A 18 -16.19 -9.49 3.20
N GLU A 19 -14.99 -10.04 3.01
CA GLU A 19 -14.35 -9.96 1.71
C GLU A 19 -15.20 -10.63 0.62
N GLN A 20 -15.71 -11.83 0.92
CA GLN A 20 -16.58 -12.51 -0.04
C GLN A 20 -17.83 -11.71 -0.33
N ALA A 21 -18.36 -11.01 0.67
CA ALA A 21 -19.55 -10.18 0.52
C ALA A 21 -19.25 -8.80 -0.03
N GLU A 22 -17.96 -8.51 -0.30
CA GLU A 22 -17.49 -7.20 -0.76
CA GLU A 22 -17.51 -7.20 -0.77
C GLU A 22 -17.93 -6.09 0.20
N ARG A 23 -17.86 -6.40 1.49
CA ARG A 23 -18.18 -5.44 2.55
C ARG A 23 -16.87 -5.00 3.20
N TYR A 24 -16.15 -4.10 2.52
CA TYR A 24 -14.77 -3.82 2.90
C TYR A 24 -14.66 -2.95 4.14
N GLU A 25 -15.65 -2.09 4.41
CA GLU A 25 -15.63 -1.36 5.68
C GLU A 25 -15.76 -2.32 6.86
N ASP A 26 -16.68 -3.28 6.77
CA ASP A 26 -16.77 -4.33 7.79
C ASP A 26 -15.45 -5.08 7.89
N MET A 27 -14.91 -5.47 6.75
CA MET A 27 -13.67 -6.24 6.74
C MET A 27 -12.57 -5.49 7.48
N ALA A 28 -12.46 -4.18 7.23
CA ALA A 28 -11.43 -3.38 7.89
C ALA A 28 -11.67 -3.30 9.39
N ALA A 29 -12.93 -3.12 9.81
CA ALA A 29 -13.23 -3.09 11.23
C ALA A 29 -12.91 -4.43 11.91
N PHE A 30 -13.22 -5.55 11.25
CA PHE A 30 -12.86 -6.85 11.80
C PHE A 30 -11.35 -7.00 11.93
N MET A 31 -10.60 -6.60 10.90
CA MET A 31 -9.14 -6.76 10.95
C MET A 31 -8.51 -5.79 11.94
N LYS A 32 -9.05 -4.57 12.07
CA LYS A 32 -8.58 -3.68 13.14
C LYS A 32 -8.77 -4.34 14.49
N GLY A 33 -9.95 -4.92 14.72
CA GLY A 33 -10.17 -5.66 15.96
C GLY A 33 -9.19 -6.80 16.15
N ALA A 34 -8.88 -7.53 15.07
CA ALA A 34 -7.92 -8.63 15.18
C ALA A 34 -6.53 -8.12 15.56
N VAL A 35 -6.09 -7.05 14.90
CA VAL A 35 -4.79 -6.47 15.24
C VAL A 35 -4.74 -6.06 16.71
N GLU A 36 -5.82 -5.43 17.20
CA GLU A 36 -5.86 -4.92 18.56
C GLU A 36 -5.88 -6.03 19.60
N LYS A 37 -6.03 -7.29 19.19
CA LYS A 37 -5.83 -8.39 20.13
C LYS A 37 -4.39 -8.47 20.61
N GLY A 38 -3.45 -7.85 19.88
CA GLY A 38 -2.08 -7.74 20.35
C GLY A 38 -1.16 -8.84 19.89
N GLU A 39 -1.67 -9.87 19.22
CA GLU A 39 -0.84 -10.91 18.65
C GLU A 39 -0.30 -10.49 17.28
N GLU A 40 0.90 -10.96 16.94
CA GLU A 40 1.40 -10.74 15.59
C GLU A 40 0.48 -11.42 14.58
N LEU A 41 0.47 -10.90 13.35
CA LEU A 41 -0.37 -11.42 12.28
CA LEU A 41 -0.37 -11.42 12.28
C LEU A 41 0.41 -12.39 11.42
N SER A 42 -0.27 -13.44 10.99
CA SER A 42 0.27 -14.37 10.01
C SER A 42 0.30 -13.77 8.61
N CSO A 43 0.91 -14.47 7.64
CA CSO A 43 0.97 -14.00 6.26
CA CSO A 43 0.97 -13.96 6.28
CB CSO A 43 1.73 -15.01 5.39
CB CSO A 43 1.80 -14.92 5.40
SG CSO A 43 1.71 -14.57 3.63
SG CSO A 43 1.71 -14.51 3.65
C CSO A 43 -0.45 -13.75 5.71
O CSO A 43 -0.75 -12.69 5.13
OD CSO A 43 0.28 -15.27 2.82
OD CSO A 43 3.05 -13.40 3.23
N GLU A 44 -1.32 -14.75 5.88
CA GLU A 44 -2.69 -14.63 5.38
C GLU A 44 -3.43 -13.46 6.06
N GLU A 45 -3.21 -13.29 7.36
CA GLU A 45 -3.87 -12.21 8.09
C GLU A 45 -3.37 -10.84 7.66
N ARG A 46 -2.06 -10.72 7.41
CA ARG A 46 -1.54 -9.46 6.87
C ARG A 46 -2.20 -9.15 5.56
N ASN A 47 -2.39 -10.15 4.69
CA ASN A 47 -3.07 -9.88 3.43
C ASN A 47 -4.51 -9.44 3.65
N LEU A 48 -5.21 -10.04 4.62
CA LEU A 48 -6.58 -9.60 4.89
C LEU A 48 -6.62 -8.14 5.31
N LEU A 49 -5.71 -7.75 6.21
CA LEU A 49 -5.62 -6.37 6.67
C LEU A 49 -5.40 -5.42 5.50
N SER A 50 -4.46 -5.78 4.61
CA SER A 50 -4.16 -4.93 3.46
CA SER A 50 -4.16 -4.93 3.46
C SER A 50 -5.34 -4.87 2.50
N VAL A 51 -5.94 -6.01 2.18
CA VAL A 51 -7.09 -6.00 1.27
C VAL A 51 -8.19 -5.10 1.80
N ALA A 52 -8.49 -5.22 3.11
CA ALA A 52 -9.59 -4.45 3.70
C ALA A 52 -9.34 -2.96 3.57
N TYR A 53 -8.21 -2.50 4.07
CA TYR A 53 -7.99 -1.06 4.09
C TYR A 53 -7.67 -0.53 2.69
N LYS A 54 -7.08 -1.34 1.82
CA LYS A 54 -6.81 -0.82 0.48
C LYS A 54 -8.10 -0.57 -0.27
N ASN A 55 -9.11 -1.43 -0.07
CA ASN A 55 -10.37 -1.20 -0.73
C ASN A 55 -11.13 -0.03 -0.12
N VAL A 56 -11.04 0.13 1.21
CA VAL A 56 -11.71 1.26 1.85
C VAL A 56 -11.10 2.57 1.36
N VAL A 57 -9.78 2.71 1.49
CA VAL A 57 -9.12 3.95 1.08
C VAL A 57 -9.22 4.11 -0.42
N GLY A 58 -9.32 3.01 -1.18
CA GLY A 58 -9.41 3.12 -2.63
C GLY A 58 -10.71 3.78 -3.07
N GLY A 59 -11.82 3.43 -2.41
CA GLY A 59 -13.07 4.13 -2.69
C GLY A 59 -13.00 5.61 -2.35
N GLN A 60 -12.32 5.95 -1.24
CA GLN A 60 -12.17 7.34 -0.85
C GLN A 60 -11.29 8.10 -1.83
N ARG A 61 -10.19 7.48 -2.26
CA ARG A 61 -9.32 8.14 -3.23
C ARG A 61 -10.04 8.39 -4.55
N ALA A 62 -10.79 7.41 -5.02
CA ALA A 62 -11.55 7.59 -6.27
C ALA A 62 -12.56 8.72 -6.12
N ALA A 63 -13.27 8.76 -4.99
CA ALA A 63 -14.22 9.83 -4.72
C ALA A 63 -13.53 11.19 -4.66
N TRP A 64 -12.40 11.25 -3.95
CA TRP A 64 -11.67 12.51 -3.82
C TRP A 64 -11.23 13.02 -5.18
N ARG A 65 -10.78 12.13 -6.07
CA ARG A 65 -10.31 12.56 -7.38
CA ARG A 65 -10.31 12.56 -7.37
C ARG A 65 -11.46 13.09 -8.23
N VAL A 66 -12.64 12.47 -8.12
CA VAL A 66 -13.81 12.97 -8.82
C VAL A 66 -14.16 14.37 -8.31
N LEU A 67 -14.20 14.52 -6.98
CA LEU A 67 -14.61 15.80 -6.40
C LEU A 67 -13.58 16.89 -6.67
N SER A 68 -12.28 16.53 -6.58
CA SER A 68 -11.23 17.51 -6.85
CA SER A 68 -11.23 17.51 -6.86
C SER A 68 -11.32 18.00 -8.29
N SER A 69 -11.60 17.10 -9.23
CA SER A 69 -11.72 17.51 -10.63
CA SER A 69 -11.72 17.51 -10.63
CA SER A 69 -11.70 17.51 -10.63
C SER A 69 -12.88 18.46 -10.84
N ILE A 70 -14.03 18.16 -10.21
CA ILE A 70 -15.17 19.08 -10.29
C ILE A 70 -14.81 20.42 -9.67
N GLU A 71 -14.15 20.38 -8.52
CA GLU A 71 -13.77 21.61 -7.82
C GLU A 71 -12.81 22.44 -8.66
N GLN A 72 -11.89 21.78 -9.37
CA GLN A 72 -10.93 22.51 -10.20
C GLN A 72 -11.61 23.13 -11.41
N LYS A 73 -12.53 22.39 -12.04
CA LYS A 73 -13.34 22.99 -13.09
C LYS A 73 -14.27 24.07 -12.55
N SER A 74 -14.53 24.08 -11.24
CA SER A 74 -15.36 25.11 -10.63
C SER A 74 -14.63 26.43 -10.45
N ASN A 75 -13.30 26.44 -10.56
CA ASN A 75 -12.51 27.64 -10.32
C ASN A 75 -11.79 28.12 -11.59
N GLY A 83 -20.98 27.97 -5.41
CA GLY A 83 -21.23 27.66 -4.02
C GLY A 83 -20.08 26.98 -3.31
N PRO A 84 -20.13 26.95 -1.98
CA PRO A 84 -19.08 26.26 -1.21
C PRO A 84 -19.22 24.75 -1.21
N GLU A 85 -20.25 24.19 -1.86
CA GLU A 85 -20.62 22.80 -1.61
C GLU A 85 -19.55 21.82 -2.09
N VAL A 86 -19.00 22.01 -3.30
CA VAL A 86 -18.05 21.02 -3.77
C VAL A 86 -16.77 21.05 -2.94
N ARG A 87 -16.30 22.26 -2.57
CA ARG A 87 -15.15 22.31 -1.67
C ARG A 87 -15.47 21.70 -0.32
N GLU A 88 -16.64 22.02 0.24
CA GLU A 88 -17.01 21.45 1.54
C GLU A 88 -17.06 19.94 1.48
N TYR A 89 -17.66 19.39 0.41
CA TYR A 89 -17.81 17.94 0.33
C TYR A 89 -16.48 17.25 0.04
N ARG A 90 -15.65 17.85 -0.83
CA ARG A 90 -14.29 17.34 -1.01
C ARG A 90 -13.53 17.32 0.31
N GLU A 91 -13.68 18.36 1.13
CA GLU A 91 -13.00 18.42 2.42
C GLU A 91 -13.51 17.32 3.35
N LYS A 92 -14.81 17.03 3.31
CA LYS A 92 -15.35 15.97 4.15
CA LYS A 92 -15.35 15.96 4.15
C LYS A 92 -14.76 14.62 3.77
N VAL A 93 -14.75 14.30 2.46
CA VAL A 93 -14.17 13.05 2.00
C VAL A 93 -12.70 13.01 2.34
N GLU A 94 -12.01 14.14 2.17
CA GLU A 94 -10.59 14.22 2.47
C GLU A 94 -10.33 13.94 3.95
N THR A 95 -11.15 14.49 4.84
CA THR A 95 -11.01 14.23 6.28
C THR A 95 -11.26 12.76 6.60
N GLU A 96 -12.24 12.14 5.96
CA GLU A 96 -12.51 10.74 6.22
CA GLU A 96 -12.53 10.73 6.19
C GLU A 96 -11.38 9.87 5.70
N LEU A 97 -10.82 10.21 4.54
CA LEU A 97 -9.65 9.52 4.05
CA LEU A 97 -9.63 9.57 4.02
C LEU A 97 -8.48 9.65 5.01
N GLN A 98 -8.24 10.86 5.54
CA GLN A 98 -7.13 11.04 6.48
C GLN A 98 -7.35 10.25 7.74
N GLY A 99 -8.61 10.13 8.17
CA GLY A 99 -8.90 9.31 9.34
C GLY A 99 -8.58 7.85 9.12
N VAL A 100 -8.93 7.32 7.93
CA VAL A 100 -8.60 5.92 7.62
C VAL A 100 -7.08 5.73 7.58
N CYS A 101 -6.36 6.64 6.90
CA CYS A 101 -4.92 6.50 6.86
C CYS A 101 -4.32 6.57 8.25
N ASP A 102 -4.82 7.49 9.11
CA ASP A 102 -4.28 7.60 10.47
C ASP A 102 -4.55 6.34 11.26
N THR A 103 -5.72 5.73 11.06
CA THR A 103 -6.00 4.46 11.74
C THR A 103 -4.99 3.38 11.35
N VAL A 104 -4.76 3.21 10.05
CA VAL A 104 -3.79 2.21 9.57
C VAL A 104 -2.41 2.50 10.13
N LEU A 105 -1.94 3.75 9.99
CA LEU A 105 -0.63 4.11 10.51
C LEU A 105 -0.55 3.87 12.02
N GLY A 106 -1.66 4.11 12.73
CA GLY A 106 -1.68 3.84 14.15
C GLY A 106 -1.54 2.36 14.47
N LEU A 107 -2.17 1.49 13.68
CA LEU A 107 -2.00 0.06 13.89
C LEU A 107 -0.56 -0.37 13.62
N LEU A 108 0.05 0.19 12.57
CA LEU A 108 1.44 -0.15 12.27
C LEU A 108 2.38 0.31 13.37
N ASP A 109 2.12 1.50 13.93
CA ASP A 109 3.00 2.03 14.97
C ASP A 109 2.69 1.45 16.35
N SER A 110 1.52 0.83 16.53
CA SER A 110 1.08 0.32 17.84
C SER A 110 0.36 -1.01 17.65
N HIS A 111 1.11 -2.11 17.47
CA HIS A 111 2.56 -2.16 17.57
C HIS A 111 3.09 -3.16 16.53
N LEU A 112 2.49 -3.18 15.34
CA LEU A 112 2.81 -4.20 14.36
C LEU A 112 4.27 -4.13 13.94
N ILE A 113 4.75 -2.92 13.63
CA ILE A 113 6.10 -2.81 13.08
C ILE A 113 7.15 -3.21 14.11
N LYS A 114 7.03 -2.68 15.33
CA LYS A 114 8.09 -2.93 16.31
C LYS A 114 8.17 -4.38 16.71
N GLU A 115 7.08 -5.13 16.58
CA GLU A 115 7.10 -6.55 16.88
C GLU A 115 7.41 -7.42 15.66
N ALA A 116 7.62 -6.82 14.49
CA ALA A 116 7.86 -7.57 13.26
C ALA A 116 9.37 -7.80 13.12
N GLY A 117 9.80 -9.04 13.31
CA GLY A 117 11.21 -9.35 13.23
C GLY A 117 11.63 -9.98 11.92
N ASP A 118 10.75 -10.79 11.32
CA ASP A 118 11.09 -11.43 10.06
C ASP A 118 11.02 -10.44 8.91
N ALA A 119 11.83 -10.70 7.89
CA ALA A 119 11.85 -9.80 6.74
C ALA A 119 10.48 -9.71 6.08
N GLU A 120 9.78 -10.86 5.94
CA GLU A 120 8.50 -10.85 5.23
C GLU A 120 7.48 -9.99 5.94
N SER A 121 7.45 -10.03 7.27
CA SER A 121 6.49 -9.21 7.99
CA SER A 121 6.48 -9.21 8.00
C SER A 121 6.93 -7.75 8.08
N ARG A 122 8.21 -7.52 8.38
CA ARG A 122 8.67 -6.14 8.55
C ARG A 122 8.60 -5.36 7.25
N VAL A 123 9.02 -5.98 6.14
CA VAL A 123 8.94 -5.29 4.84
C VAL A 123 7.48 -5.03 4.47
N PHE A 124 6.59 -5.99 4.73
CA PHE A 124 5.17 -5.79 4.43
CA PHE A 124 5.18 -5.78 4.42
C PHE A 124 4.64 -4.55 5.16
N TYR A 125 4.94 -4.46 6.46
CA TYR A 125 4.39 -3.37 7.26
C TYR A 125 5.03 -2.04 6.89
N LEU A 126 6.34 -2.04 6.61
CA LEU A 126 6.99 -0.78 6.25
C LEU A 126 6.51 -0.28 4.89
N LYS A 127 6.28 -1.19 3.95
CA LYS A 127 5.64 -0.82 2.69
C LYS A 127 4.26 -0.22 2.94
N MET A 128 3.47 -0.86 3.81
CA MET A 128 2.15 -0.32 4.14
CA MET A 128 2.15 -0.32 4.13
C MET A 128 2.26 1.08 4.70
N LYS A 129 3.23 1.32 5.60
CA LYS A 129 3.42 2.64 6.16
C LYS A 129 3.75 3.65 5.07
N GLY A 130 4.64 3.29 4.16
CA GLY A 130 4.90 4.14 3.00
C GLY A 130 3.65 4.40 2.17
N ASP A 131 2.85 3.35 1.94
CA ASP A 131 1.65 3.49 1.12
C ASP A 131 0.65 4.47 1.75
N TYR A 132 0.40 4.34 3.05
CA TYR A 132 -0.66 5.18 3.63
C TYR A 132 -0.15 6.60 3.88
N TYR A 133 1.16 6.79 4.08
CA TYR A 133 1.67 8.17 4.01
C TYR A 133 1.55 8.71 2.59
N ARG A 134 1.75 7.85 1.58
CA ARG A 134 1.60 8.29 0.20
C ARG A 134 0.16 8.72 -0.08
N TYR A 135 -0.81 7.97 0.43
CA TYR A 135 -2.20 8.38 0.23
C TYR A 135 -2.48 9.71 0.93
N LEU A 136 -1.90 9.90 2.13
CA LEU A 136 -2.00 11.21 2.78
C LEU A 136 -1.36 12.30 1.92
N ALA A 137 -0.20 12.00 1.33
CA ALA A 137 0.48 12.99 0.50
C ALA A 137 -0.33 13.38 -0.72
N GLU A 138 -1.15 12.46 -1.24
CA GLU A 138 -1.94 12.75 -2.43
C GLU A 138 -2.89 13.93 -2.21
N VAL A 139 -3.34 14.16 -0.98
CA VAL A 139 -4.30 15.22 -0.68
C VAL A 139 -3.68 16.35 0.14
N ALA A 140 -2.41 16.23 0.52
CA ALA A 140 -1.79 17.20 1.41
C ALA A 140 -1.41 18.47 0.67
N THR A 141 -1.42 19.59 1.40
CA THR A 141 -1.06 20.87 0.82
C THR A 141 -0.12 21.64 1.74
N GLY A 142 -0.58 21.96 2.96
CA GLY A 142 0.22 22.68 3.93
C GLY A 142 1.46 21.95 4.40
N ASP A 144 1.27 20.80 5.04
CA ASP A 144 2.36 20.01 5.60
C ASP A 144 2.79 18.88 4.68
N LYS A 145 2.68 19.08 3.36
CA LYS A 145 2.95 18.00 2.41
C LYS A 145 4.38 17.50 2.52
N LYS A 146 5.33 18.40 2.76
CA LYS A 146 6.74 18.00 2.70
C LYS A 146 7.09 17.01 3.81
N ARG A 147 6.55 17.19 5.01
CA ARG A 147 6.86 16.26 6.08
C ARG A 147 6.15 14.93 5.87
N ILE A 148 4.94 14.95 5.30
CA ILE A 148 4.26 13.69 4.96
C ILE A 148 5.03 12.94 3.89
N ILE A 149 5.54 13.66 2.89
CA ILE A 149 6.31 13.05 1.83
C ILE A 149 7.58 12.41 2.38
N ASP A 150 8.26 13.10 3.30
CA ASP A 150 9.47 12.53 3.91
CA ASP A 150 9.47 12.50 3.85
C ASP A 150 9.16 11.29 4.72
N SER A 151 8.00 11.28 5.39
CA SER A 151 7.63 10.11 6.17
C SER A 151 7.38 8.90 5.27
N ALA A 152 6.73 9.11 4.12
CA ALA A 152 6.55 8.02 3.17
C ALA A 152 7.91 7.54 2.67
N ARG A 153 8.76 8.47 2.25
CA ARG A 153 10.07 8.12 1.73
CA ARG A 153 10.07 8.11 1.72
C ARG A 153 10.87 7.29 2.74
N SER A 154 10.85 7.70 4.01
CA SER A 154 11.63 7.03 5.03
CA SER A 154 11.63 7.03 5.03
C SER A 154 11.14 5.60 5.25
N ALA A 155 9.83 5.40 5.26
CA ALA A 155 9.29 4.06 5.44
C ALA A 155 9.64 3.19 4.23
N TYR A 156 9.39 3.70 3.03
CA TYR A 156 9.76 2.96 1.82
C TYR A 156 11.25 2.62 1.82
N GLN A 157 12.09 3.59 2.18
CA GLN A 157 13.53 3.35 2.10
C GLN A 157 13.96 2.27 3.08
N GLU A 158 13.44 2.31 4.31
CA GLU A 158 13.79 1.25 5.26
C GLU A 158 13.35 -0.10 4.73
N ALA A 159 12.13 -0.16 4.18
CA ALA A 159 11.63 -1.41 3.62
C ALA A 159 12.53 -1.89 2.48
N MET A 160 12.97 -0.97 1.63
CA MET A 160 13.83 -1.35 0.51
CA MET A 160 13.84 -1.34 0.51
C MET A 160 15.15 -1.93 1.02
N ASP A 161 15.76 -1.27 2.00
CA ASP A 161 17.05 -1.73 2.50
C ASP A 161 16.95 -3.15 3.05
N ILE A 162 15.90 -3.44 3.80
CA ILE A 162 15.70 -4.80 4.30
C ILE A 162 15.46 -5.77 3.16
N SER A 163 14.62 -5.39 2.20
CA SER A 163 14.25 -6.33 1.13
CA SER A 163 14.26 -6.32 1.12
C SER A 163 15.46 -6.68 0.27
N LYS A 164 16.37 -5.72 0.07
CA LYS A 164 17.54 -6.00 -0.76
C LYS A 164 18.52 -6.92 -0.05
N LYS A 165 18.54 -6.87 1.29
CA LYS A 165 19.43 -7.73 2.06
CA LYS A 165 19.43 -7.73 2.06
C LYS A 165 18.82 -9.11 2.33
N GLU A 166 17.51 -9.21 2.47
CA GLU A 166 16.90 -10.43 3.00
C GLU A 166 16.00 -11.19 2.03
N MET A 167 15.62 -10.62 0.90
CA MET A 167 14.69 -11.30 0.01
CA MET A 167 14.70 -11.31 0.02
C MET A 167 15.28 -11.42 -1.38
N PRO A 168 14.93 -12.47 -2.12
CA PRO A 168 15.34 -12.56 -3.52
C PRO A 168 14.64 -11.51 -4.35
N PRO A 169 15.20 -11.12 -5.50
CA PRO A 169 14.60 -10.05 -6.29
C PRO A 169 13.24 -10.37 -6.88
N THR A 170 12.79 -11.63 -6.85
CA THR A 170 11.46 -11.96 -7.34
C THR A 170 10.42 -12.02 -6.23
N ASN A 171 10.82 -11.85 -4.99
CA ASN A 171 9.87 -11.94 -3.89
C ASN A 171 8.72 -10.97 -4.14
N PRO A 172 7.46 -11.43 -4.13
CA PRO A 172 6.36 -10.52 -4.49
C PRO A 172 6.21 -9.30 -3.59
N ILE A 173 6.56 -9.40 -2.30
CA ILE A 173 6.51 -8.22 -1.44
C ILE A 173 7.59 -7.23 -1.85
N ARG A 174 8.80 -7.74 -2.11
CA ARG A 174 9.89 -6.87 -2.58
C ARG A 174 9.51 -6.20 -3.90
N LEU A 175 8.88 -6.94 -4.82
CA LEU A 175 8.48 -6.38 -6.10
C LEU A 175 7.38 -5.33 -5.93
N GLY A 176 6.36 -5.64 -5.12
CA GLY A 176 5.29 -4.67 -4.91
C GLY A 176 5.77 -3.43 -4.19
N LEU A 177 6.72 -3.60 -3.26
CA LEU A 177 7.32 -2.46 -2.60
C LEU A 177 8.03 -1.56 -3.59
N ALA A 178 8.88 -2.13 -4.44
CA ALA A 178 9.60 -1.33 -5.42
C ALA A 178 8.64 -0.66 -6.39
N LEU A 179 7.61 -1.39 -6.84
CA LEU A 179 6.58 -0.81 -7.68
C LEU A 179 5.99 0.44 -7.03
N ASN A 180 5.60 0.35 -5.76
CA ASN A 180 4.92 1.47 -5.11
C ASN A 180 5.89 2.62 -4.82
N PHE A 181 7.14 2.28 -4.44
CA PHE A 181 8.14 3.33 -4.24
C PHE A 181 8.39 4.08 -5.55
N SER A 182 8.36 3.37 -6.68
CA SER A 182 8.52 4.03 -7.97
CA SER A 182 8.52 4.01 -7.98
C SER A 182 7.33 4.93 -8.27
N VAL A 183 6.12 4.50 -7.92
CA VAL A 183 4.95 5.37 -8.09
C VAL A 183 5.07 6.58 -7.18
N PHE A 184 5.55 6.38 -5.96
CA PHE A 184 5.82 7.50 -5.06
C PHE A 184 6.77 8.51 -5.72
N HIS A 185 7.88 8.02 -6.28
CA HIS A 185 8.82 8.93 -6.92
C HIS A 185 8.15 9.70 -8.04
N TYR A 186 7.36 9.01 -8.87
CA TYR A 186 6.81 9.65 -10.06
C TYR A 186 5.70 10.64 -9.70
N GLU A 187 4.75 10.20 -8.87
CA GLU A 187 3.51 10.94 -8.67
C GLU A 187 3.59 11.91 -7.50
N ILE A 188 4.39 11.63 -6.49
CA ILE A 188 4.42 12.38 -5.24
C ILE A 188 5.67 13.24 -5.14
N ALA A 189 6.84 12.64 -5.38
CA ALA A 189 8.11 13.32 -5.17
C ALA A 189 8.59 14.10 -6.38
N ASN A 190 7.85 14.10 -7.48
CA ASN A 190 8.26 14.77 -8.72
C ASN A 190 9.67 14.35 -9.13
N SER A 191 9.94 13.06 -9.01
CA SER A 191 11.23 12.48 -9.38
C SER A 191 11.00 11.41 -10.45
N PRO A 192 10.53 11.79 -11.64
CA PRO A 192 10.22 10.76 -12.65
C PRO A 192 11.42 9.95 -13.08
N GLU A 193 12.62 10.53 -13.11
CA GLU A 193 13.77 9.73 -13.51
C GLU A 193 14.09 8.68 -12.45
N GLU A 194 13.97 9.03 -11.16
CA GLU A 194 14.14 8.02 -10.13
C GLU A 194 13.09 6.93 -10.23
N ALA A 195 11.85 7.30 -10.57
CA ALA A 195 10.78 6.31 -10.72
C ALA A 195 11.10 5.33 -11.85
N ILE A 196 11.54 5.85 -12.99
CA ILE A 196 11.85 5.00 -14.14
C ILE A 196 13.06 4.13 -13.84
N SER A 197 14.10 4.70 -13.23
CA SER A 197 15.29 3.91 -12.91
CA SER A 197 15.29 3.91 -12.91
C SER A 197 14.96 2.78 -11.94
N LEU A 198 14.19 3.08 -10.90
CA LEU A 198 13.83 2.04 -9.95
C LEU A 198 12.99 0.95 -10.63
N ALA A 199 12.03 1.33 -11.46
CA ALA A 199 11.19 0.33 -12.09
C ALA A 199 11.99 -0.55 -13.05
N LYS A 200 12.92 0.06 -13.79
CA LYS A 200 13.74 -0.68 -14.74
CA LYS A 200 13.71 -0.70 -14.73
C LYS A 200 14.67 -1.66 -14.03
N THR A 201 15.40 -1.17 -13.03
CA THR A 201 16.34 -2.03 -12.30
CA THR A 201 16.34 -2.06 -12.34
C THR A 201 15.61 -3.16 -11.59
N THR A 202 14.45 -2.85 -11.01
CA THR A 202 13.66 -3.89 -10.33
C THR A 202 13.21 -4.96 -11.32
N PHE A 203 12.70 -4.54 -12.47
CA PHE A 203 12.25 -5.49 -13.49
C PHE A 203 13.39 -6.38 -13.95
N ASP A 204 14.54 -5.78 -14.25
CA ASP A 204 15.65 -6.54 -14.83
C ASP A 204 16.22 -7.52 -13.82
N GLU A 205 16.32 -7.12 -12.55
CA GLU A 205 16.86 -8.04 -11.55
C GLU A 205 15.90 -9.17 -11.27
N ALA A 206 14.59 -8.90 -11.31
CA ALA A 206 13.61 -9.98 -11.17
C ALA A 206 13.69 -10.93 -12.35
N MET A 207 13.77 -10.39 -13.57
CA MET A 207 13.84 -11.24 -14.75
CA MET A 207 13.87 -11.23 -14.77
C MET A 207 14.95 -12.29 -14.60
N ALA A 208 16.13 -11.87 -14.15
CA ALA A 208 17.29 -12.74 -14.04
C ALA A 208 17.16 -13.75 -12.91
N ASP A 209 16.15 -13.62 -12.05
CA ASP A 209 15.94 -14.55 -10.94
C ASP A 209 14.76 -15.48 -11.18
N LEU A 210 14.01 -15.29 -12.28
CA LEU A 210 12.82 -16.10 -12.53
C LEU A 210 13.15 -17.59 -12.66
N HIS A 211 14.37 -17.91 -13.10
CA HIS A 211 14.73 -19.30 -13.36
C HIS A 211 14.74 -20.14 -12.08
N THR A 212 14.79 -19.49 -10.91
CA THR A 212 14.84 -20.21 -9.65
C THR A 212 13.46 -20.63 -9.17
N LEU A 213 12.38 -20.17 -9.81
CA LEU A 213 11.03 -20.25 -9.26
C LEU A 213 10.27 -21.45 -9.77
N SER A 214 9.39 -21.97 -8.92
CA SER A 214 8.37 -22.91 -9.34
C SER A 214 7.34 -22.21 -10.22
N GLU A 215 6.47 -23.02 -10.83
CA GLU A 215 5.45 -22.47 -11.73
C GLU A 215 4.53 -21.49 -11.01
N ASP A 216 4.16 -21.79 -9.76
CA ASP A 216 3.23 -20.90 -9.06
C ASP A 216 3.92 -19.62 -8.56
N SER A 217 5.15 -19.73 -8.08
CA SER A 217 5.88 -18.51 -7.72
C SER A 217 6.18 -17.68 -8.96
N TYR A 218 6.49 -18.35 -10.07
CA TYR A 218 6.70 -17.64 -11.33
CA TYR A 218 6.70 -17.64 -11.34
C TYR A 218 5.48 -16.79 -11.69
N LYS A 219 4.28 -17.35 -11.54
CA LYS A 219 3.07 -16.58 -11.86
CA LYS A 219 3.07 -16.58 -11.85
C LYS A 219 2.93 -15.39 -10.92
N ASP A 220 3.23 -15.58 -9.63
CA ASP A 220 3.12 -14.47 -8.66
C ASP A 220 4.06 -13.33 -9.02
N SER A 221 5.33 -13.65 -9.30
CA SER A 221 6.30 -12.59 -9.58
C SER A 221 6.04 -11.92 -10.92
N THR A 222 5.74 -12.69 -11.96
CA THR A 222 5.55 -12.06 -13.27
C THR A 222 4.33 -11.14 -13.29
N LEU A 223 3.33 -11.42 -12.45
CA LEU A 223 2.17 -10.53 -12.42
C LEU A 223 2.58 -9.12 -11.99
N ILE A 224 3.42 -9.02 -10.97
CA ILE A 224 3.88 -7.71 -10.50
CA ILE A 224 3.86 -7.70 -10.51
C ILE A 224 4.86 -7.10 -11.49
N MET A 225 5.68 -7.95 -12.14
CA MET A 225 6.60 -7.43 -13.14
C MET A 225 5.85 -6.76 -14.28
N GLN A 226 4.68 -7.30 -14.65
CA GLN A 226 3.89 -6.72 -15.72
C GLN A 226 3.43 -5.31 -15.34
N LEU A 227 3.10 -5.09 -14.07
CA LEU A 227 2.74 -3.75 -13.61
C LEU A 227 3.92 -2.78 -13.77
N LEU A 228 5.13 -3.24 -13.43
CA LEU A 228 6.31 -2.41 -13.62
C LEU A 228 6.50 -2.08 -15.10
N ARG A 229 6.33 -3.08 -15.97
CA ARG A 229 6.45 -2.84 -17.40
C ARG A 229 5.36 -1.89 -17.90
N ASP A 230 4.12 -2.07 -17.44
CA ASP A 230 3.05 -1.17 -17.83
C ASP A 230 3.38 0.27 -17.47
N ASN A 231 3.89 0.49 -16.27
CA ASN A 231 4.22 1.85 -15.85
C ASN A 231 5.38 2.40 -16.68
N LEU A 232 6.39 1.57 -16.95
CA LEU A 232 7.52 2.05 -17.74
C LEU A 232 7.04 2.50 -19.12
N THR A 233 6.10 1.75 -19.70
CA THR A 233 5.51 2.13 -20.99
C THR A 233 4.75 3.44 -20.87
N LEU A 234 4.00 3.62 -19.79
CA LEU A 234 3.28 4.87 -19.57
CA LEU A 234 3.29 4.87 -19.57
C LEU A 234 4.25 6.05 -19.42
N TRP A 235 5.41 5.83 -18.83
CA TRP A 235 6.31 6.91 -18.46
C TRP A 235 7.37 7.24 -19.49
N THR A 236 7.53 6.42 -20.52
CA THR A 236 8.63 6.61 -21.47
C THR A 236 8.13 6.56 -22.91
N ARG B 4 -2.61 7.95 -12.72
CA ARG B 4 -2.78 6.91 -13.72
C ARG B 4 -1.89 5.64 -13.62
N PRO B 5 -0.69 5.68 -13.03
CA PRO B 5 0.12 4.46 -12.97
C PRO B 5 -0.47 3.45 -12.02
N GLU B 6 -0.13 2.19 -12.27
CA GLU B 6 -0.65 1.12 -11.42
C GLU B 6 0.26 0.89 -10.22
N SEP B 7 -0.36 0.66 -9.07
CA SEP B 7 0.39 0.31 -7.89
CB SEP B 7 0.04 1.25 -6.71
OG SEP B 7 -1.35 1.18 -6.47
C SEP B 7 0.13 -1.16 -7.56
O SEP B 7 -0.63 -1.84 -8.26
P SEP B 7 -1.84 2.25 -5.38
O1P SEP B 7 -1.51 3.72 -5.85
O2P SEP B 7 -3.44 2.00 -5.37
O3P SEP B 7 -1.22 1.92 -3.95
N ALA B 8 0.78 -1.66 -6.51
CA ALA B 8 0.75 -3.08 -6.20
C ALA B 8 -0.65 -3.53 -5.77
N PRO B 9 -1.01 -4.76 -6.12
CA PRO B 9 -2.22 -5.36 -5.52
C PRO B 9 -2.14 -5.35 -4.00
N ALA B 10 -3.32 -5.37 -3.38
CA ALA B 10 -3.36 -5.36 -1.91
C ALA B 10 -2.69 -6.60 -1.34
N GLU B 11 -2.90 -7.76 -1.95
CA GLU B 11 -2.33 -9.03 -1.53
C GLU B 11 -0.99 -9.30 -2.22
N SER B 12 -0.12 -10.00 -1.49
CA SER B 12 1.11 -10.52 -2.07
C SER B 12 1.34 -11.97 -1.66
MG MG C . -9.72 -15.43 23.07
MG MG D . 1.43 -11.76 -7.38
CL CL E . -20.21 18.27 3.30
CL CL F . 9.52 5.46 9.46
CL CL G . -18.51 -1.28 2.50
CL CL H . 5.05 4.98 -24.77
CA CA I . 15.74 11.72 -19.07
MG MG J . -15.94 -20.40 14.31
#